data_3TC8
#
_entry.id   3TC8
#
_cell.length_a   44.662
_cell.length_b   51.277
_cell.length_c   72.985
_cell.angle_alpha   105.740
_cell.angle_beta   99.920
_cell.angle_gamma   97.460
#
_symmetry.space_group_name_H-M   'P 1'
#
loop_
_entity.id
_entity.type
_entity.pdbx_description
1 polymer 'Leucine aminopeptidase'
2 non-polymer 'ZINC ION'
3 non-polymer 1,2-ETHANEDIOL
4 water water
#
_entity_poly.entity_id   1
_entity_poly.type   'polypeptide(L)'
_entity_poly.pdbx_seq_one_letter_code
;GKETGN(MSE)PEIKKQPIASAVPDFNADSAYAYVANQVAFGPRVPNTAAHKACGDYLASELKRFGAKVYQQEAILTAYD
GTKLEARNIIGSFDPENSKRVLLFAHWDSRPYSDHDPDPSKHRTPLDGADDGGSGVGALLEIARQIGQKAPGIGIDIIFF
DAEDYGTPEFVTDYTPDSWCLGTQFWAKNPHVPNYTAEYGILLD(MSE)VGGKNATFFKEQQSLRAAAPIVE(MSE)VWS
AARDLGYGKYFINAAGGAITDDHQYVISGRNIPSIDIINYDPESKTGFASYWHTQKDN(MSE)ENIDRETLKAAGQTVLE
VIYNR
;
_entity_poly.pdbx_strand_id   A,B
#
loop_
_chem_comp.id
_chem_comp.type
_chem_comp.name
_chem_comp.formula
EDO non-polymer 1,2-ETHANEDIOL 'C2 H6 O2'
ZN non-polymer 'ZINC ION' 'Zn 2'
#
# COMPACT_ATOMS: atom_id res chain seq x y z
N SER A 17 7.96 6.95 -23.13
CA SER A 17 8.65 8.08 -23.80
C SER A 17 9.67 8.70 -22.84
N ALA A 18 9.90 9.99 -22.99
CA ALA A 18 10.51 10.77 -21.94
C ALA A 18 9.65 10.72 -20.67
N VAL A 19 8.35 10.38 -20.78
CA VAL A 19 7.44 10.61 -19.68
C VAL A 19 6.81 9.28 -19.22
N PRO A 20 6.88 8.93 -17.94
CA PRO A 20 6.21 7.74 -17.47
C PRO A 20 4.71 7.80 -17.66
N ASP A 21 4.11 6.63 -17.62
CA ASP A 21 2.67 6.41 -17.74
CA ASP A 21 2.66 6.51 -17.72
C ASP A 21 2.04 6.42 -16.33
N PHE A 22 1.20 7.37 -16.02
CA PHE A 22 0.46 7.42 -14.77
C PHE A 22 -0.59 6.29 -14.82
N ASN A 23 -0.55 5.40 -13.84
CA ASN A 23 -1.52 4.29 -13.78
C ASN A 23 -2.70 4.74 -12.94
N ALA A 24 -3.81 5.04 -13.59
CA ALA A 24 -4.97 5.57 -12.89
C ALA A 24 -5.62 4.52 -12.00
N ASP A 25 -5.57 3.24 -12.35
CA ASP A 25 -6.07 2.17 -11.49
CA ASP A 25 -6.12 2.25 -11.48
C ASP A 25 -5.32 2.20 -10.18
N SER A 26 -4.02 2.35 -10.25
CA SER A 26 -3.18 2.45 -9.10
C SER A 26 -3.49 3.67 -8.23
N ALA A 27 -3.62 4.82 -8.88
CA ALA A 27 -4.00 6.01 -8.14
C ALA A 27 -5.35 5.80 -7.41
N TYR A 28 -6.31 5.23 -8.11
CA TYR A 28 -7.61 4.97 -7.52
C TYR A 28 -7.48 4.10 -6.27
N ALA A 29 -6.66 3.05 -6.36
CA ALA A 29 -6.46 2.17 -5.23
C ALA A 29 -5.78 2.91 -4.09
N TYR A 30 -4.86 3.85 -4.37
CA TYR A 30 -4.29 4.67 -3.28
C TYR A 30 -5.34 5.52 -2.60
N VAL A 31 -6.30 6.08 -3.35
CA VAL A 31 -7.41 6.77 -2.75
C VAL A 31 -8.18 5.84 -1.85
N ALA A 32 -8.55 4.69 -2.40
CA ALA A 32 -9.33 3.71 -1.64
C ALA A 32 -8.59 3.30 -0.34
N ASN A 33 -7.29 3.15 -0.41
CA ASN A 33 -6.52 2.73 0.75
C ASN A 33 -6.57 3.78 1.86
N GLN A 34 -6.52 5.05 1.51
CA GLN A 34 -6.70 6.10 2.50
C GLN A 34 -8.08 6.05 3.15
N VAL A 35 -9.09 5.96 2.34
CA VAL A 35 -10.46 5.99 2.81
C VAL A 35 -10.74 4.79 3.72
N ALA A 36 -10.12 3.66 3.41
CA ALA A 36 -10.33 2.43 4.18
C ALA A 36 -9.96 2.57 5.64
N PHE A 37 -9.06 3.50 6.00
CA PHE A 37 -8.71 3.69 7.38
C PHE A 37 -9.85 4.25 8.21
N GLY A 38 -10.81 4.91 7.57
CA GLY A 38 -11.76 5.75 8.23
C GLY A 38 -11.34 7.22 8.03
N PRO A 39 -12.18 8.15 8.43
CA PRO A 39 -11.81 9.58 8.23
C PRO A 39 -10.48 9.93 8.91
N ARG A 40 -9.59 10.59 8.18
CA ARG A 40 -8.28 10.95 8.71
C ARG A 40 -8.37 12.27 9.50
N VAL A 41 -9.11 12.23 10.59
CA VAL A 41 -9.27 13.40 11.45
C VAL A 41 -8.09 13.49 12.38
N PRO A 42 -7.40 14.62 12.46
CA PRO A 42 -6.31 14.75 13.40
C PRO A 42 -6.74 14.32 14.81
N ASN A 43 -5.83 13.60 15.47
CA ASN A 43 -5.96 13.04 16.82
C ASN A 43 -6.62 11.69 16.84
N THR A 44 -7.13 11.17 15.76
CA THR A 44 -7.77 9.85 15.73
C THR A 44 -6.81 8.75 15.34
N ALA A 45 -7.21 7.54 15.69
CA ALA A 45 -6.46 6.36 15.28
C ALA A 45 -6.34 6.23 13.77
N ALA A 46 -7.39 6.55 13.04
CA ALA A 46 -7.36 6.47 11.55
C ALA A 46 -6.30 7.40 10.98
N HIS A 47 -6.20 8.60 11.54
CA HIS A 47 -5.18 9.56 11.11
C HIS A 47 -3.77 9.04 11.35
N LYS A 48 -3.54 8.50 12.54
CA LYS A 48 -2.21 8.01 12.82
CA LYS A 48 -2.22 7.94 12.88
C LYS A 48 -1.84 6.82 11.92
N ALA A 49 -2.80 5.92 11.70
CA ALA A 49 -2.56 4.74 10.88
C ALA A 49 -2.34 5.15 9.42
N CYS A 50 -3.14 6.05 8.90
CA CYS A 50 -2.98 6.47 7.52
C CYS A 50 -1.69 7.24 7.30
N GLY A 51 -1.31 8.08 8.24
CA GLY A 51 -0.06 8.78 8.11
C GLY A 51 1.11 7.86 8.04
N ASP A 52 1.09 6.84 8.90
CA ASP A 52 2.14 5.83 8.87
C ASP A 52 2.23 5.11 7.51
N TYR A 53 1.07 4.80 6.95
CA TYR A 53 0.97 4.18 5.64
C TYR A 53 1.52 5.10 4.53
N LEU A 54 1.17 6.37 4.55
CA LEU A 54 1.64 7.30 3.55
C LEU A 54 3.16 7.45 3.62
N ALA A 55 3.69 7.57 4.83
CA ALA A 55 5.14 7.68 5.01
C ALA A 55 5.87 6.47 4.45
N SER A 56 5.35 5.28 4.76
CA SER A 56 5.98 4.05 4.28
C SER A 56 5.91 3.89 2.77
N GLU A 57 4.83 4.35 2.17
CA GLU A 57 4.69 4.25 0.77
CA GLU A 57 4.73 4.33 0.68
C GLU A 57 5.77 5.17 0.06
N LEU A 58 5.94 6.42 0.56
CA LEU A 58 6.96 7.29 -0.02
C LEU A 58 8.36 6.69 0.17
N LYS A 59 8.62 6.07 1.31
CA LYS A 59 9.92 5.46 1.54
CA LYS A 59 9.91 5.49 1.52
CA LYS A 59 9.91 5.45 1.54
C LYS A 59 10.17 4.34 0.55
N ARG A 60 9.13 3.54 0.29
CA ARG A 60 9.32 2.41 -0.63
CA ARG A 60 9.16 2.42 -0.66
C ARG A 60 9.66 2.89 -2.03
N PHE A 61 9.19 4.04 -2.44
CA PHE A 61 9.51 4.59 -3.74
C PHE A 61 10.95 5.09 -3.82
N GLY A 62 11.62 5.24 -2.68
CA GLY A 62 12.99 5.73 -2.65
C GLY A 62 13.12 7.17 -2.22
N ALA A 63 12.05 7.79 -1.75
CA ALA A 63 12.11 9.15 -1.25
C ALA A 63 12.84 9.20 0.07
N LYS A 64 13.49 10.33 0.33
CA LYS A 64 13.96 10.69 1.64
C LYS A 64 12.78 11.30 2.39
N VAL A 65 12.32 10.65 3.46
CA VAL A 65 11.05 11.04 4.08
C VAL A 65 11.32 11.80 5.37
N TYR A 66 10.65 12.92 5.50
CA TYR A 66 10.62 13.70 6.72
C TYR A 66 9.20 13.72 7.25
N GLN A 67 9.03 13.46 8.52
CA GLN A 67 7.73 13.54 9.17
C GLN A 67 7.76 14.69 10.14
N GLN A 68 7.12 15.77 9.80
CA GLN A 68 7.17 16.97 10.59
C GLN A 68 5.98 16.99 11.54
N GLU A 69 6.23 16.72 12.81
CA GLU A 69 5.15 16.67 13.77
C GLU A 69 5.09 17.97 14.55
N ALA A 70 3.89 18.50 14.75
CA ALA A 70 3.71 19.75 15.47
C ALA A 70 2.33 19.76 16.07
N ILE A 71 2.19 20.38 17.23
CA ILE A 71 0.88 20.61 17.83
CA ILE A 71 0.88 20.62 17.84
C ILE A 71 0.34 21.94 17.30
N LEU A 72 -0.77 21.86 16.56
CA LEU A 72 -1.37 23.01 15.93
C LEU A 72 -2.66 23.30 16.65
N THR A 73 -3.15 24.51 16.57
CA THR A 73 -4.35 24.91 17.33
C THR A 73 -5.50 25.22 16.38
N ALA A 74 -6.58 24.46 16.49
CA ALA A 74 -7.76 24.68 15.69
C ALA A 74 -8.54 25.89 16.17
N TYR A 75 -9.51 26.29 15.35
CA TYR A 75 -10.34 27.48 15.63
C TYR A 75 -11.03 27.43 16.99
N ASP A 76 -11.33 26.23 17.48
CA ASP A 76 -12.08 26.02 18.75
C ASP A 76 -11.12 25.78 19.90
N GLY A 77 -9.82 25.94 19.68
CA GLY A 77 -8.82 25.67 20.72
C GLY A 77 -8.31 24.24 20.76
N THR A 78 -8.87 23.31 20.00
CA THR A 78 -8.40 21.91 20.05
C THR A 78 -6.92 21.90 19.62
N LYS A 79 -6.11 21.19 20.37
CA LYS A 79 -4.74 20.97 20.03
C LYS A 79 -4.71 19.75 19.11
N LEU A 80 -4.21 19.95 17.90
CA LEU A 80 -4.13 18.91 16.88
C LEU A 80 -2.73 18.37 16.80
N GLU A 81 -2.62 17.04 16.90
CA GLU A 81 -1.36 16.31 16.75
CA GLU A 81 -1.32 16.36 16.74
C GLU A 81 -1.10 16.15 15.26
N ALA A 82 -0.57 17.18 14.63
CA ALA A 82 -0.43 17.26 13.18
C ALA A 82 0.88 16.64 12.72
N ARG A 83 0.87 16.17 11.48
CA ARG A 83 2.03 15.53 10.88
C ARG A 83 2.02 15.83 9.38
N ASN A 84 2.91 16.73 8.96
CA ASN A 84 3.17 16.93 7.52
C ASN A 84 4.18 15.87 7.08
N ILE A 85 3.94 15.27 5.92
CA ILE A 85 4.76 14.19 5.42
C ILE A 85 5.41 14.63 4.13
N ILE A 86 6.75 14.62 4.13
CA ILE A 86 7.53 15.11 3.02
C ILE A 86 8.38 13.97 2.44
N GLY A 87 8.27 13.76 1.14
CA GLY A 87 9.15 12.81 0.43
C GLY A 87 9.94 13.53 -0.60
N SER A 88 11.25 13.48 -0.47
CA SER A 88 12.14 14.22 -1.37
CA SER A 88 12.16 14.21 -1.34
C SER A 88 12.93 13.24 -2.26
N PHE A 89 12.85 13.47 -3.56
CA PHE A 89 13.63 12.71 -4.52
C PHE A 89 14.75 13.60 -5.04
N ASP A 90 15.91 12.98 -5.36
CA ASP A 90 17.17 13.68 -5.78
C ASP A 90 17.42 14.84 -4.80
N PRO A 91 17.55 14.51 -3.50
CA PRO A 91 17.46 15.55 -2.48
C PRO A 91 18.54 16.62 -2.49
N GLU A 92 19.66 16.37 -3.15
CA GLU A 92 20.72 17.37 -3.20
C GLU A 92 20.59 18.33 -4.39
N ASN A 93 19.68 18.07 -5.32
CA ASN A 93 19.52 18.96 -6.46
C ASN A 93 18.96 20.32 -6.00
N SER A 94 19.61 21.40 -6.39
CA SER A 94 19.18 22.74 -6.00
C SER A 94 17.94 23.15 -6.79
N LYS A 95 17.73 22.52 -7.96
CA LYS A 95 16.58 22.81 -8.79
CA LYS A 95 16.59 22.78 -8.84
C LYS A 95 15.50 21.80 -8.46
N ARG A 96 14.38 22.32 -7.97
CA ARG A 96 13.31 21.50 -7.38
C ARG A 96 11.95 21.96 -7.79
N VAL A 97 11.00 21.01 -7.80
CA VAL A 97 9.59 21.28 -7.95
C VAL A 97 8.87 20.68 -6.76
N LEU A 98 7.95 21.45 -6.18
CA LEU A 98 7.10 21.05 -5.08
C LEU A 98 5.74 20.60 -5.58
N LEU A 99 5.35 19.39 -5.19
CA LEU A 99 4.01 18.84 -5.52
C LEU A 99 3.36 18.51 -4.19
N PHE A 100 2.11 18.97 -4.01
CA PHE A 100 1.52 18.90 -2.66
C PHE A 100 0.04 18.70 -2.69
N ALA A 101 -0.47 18.25 -1.55
CA ALA A 101 -1.91 17.96 -1.34
C ALA A 101 -2.12 17.87 0.18
N HIS A 102 -3.37 18.05 0.59
CA HIS A 102 -3.69 17.83 2.00
C HIS A 102 -4.18 16.40 2.19
N TRP A 103 -3.87 15.81 3.35
CA TRP A 103 -4.21 14.41 3.60
C TRP A 103 -5.24 14.19 4.71
N ASP A 104 -5.50 15.19 5.53
CA ASP A 104 -6.53 15.09 6.55
C ASP A 104 -7.92 15.09 5.95
N SER A 105 -8.86 14.58 6.76
CA SER A 105 -10.28 14.65 6.45
C SER A 105 -10.98 15.59 7.43
N ARG A 106 -11.94 16.33 6.92
CA ARG A 106 -12.70 17.26 7.74
C ARG A 106 -13.49 16.50 8.81
N PRO A 107 -13.55 17.03 10.02
CA PRO A 107 -14.32 16.39 11.10
C PRO A 107 -15.83 16.66 11.08
N TYR A 108 -16.24 17.46 10.13
CA TYR A 108 -17.61 17.92 9.99
C TYR A 108 -18.09 17.69 8.57
N SER A 109 -19.39 17.61 8.41
CA SER A 109 -20.06 17.62 7.11
C SER A 109 -21.01 18.81 7.07
N ASP A 110 -20.41 20.01 7.17
CA ASP A 110 -21.17 21.20 7.52
C ASP A 110 -21.97 21.81 6.38
N HIS A 111 -21.84 21.24 5.19
CA HIS A 111 -22.69 21.57 4.07
C HIS A 111 -23.70 20.47 3.74
N ASP A 112 -23.77 19.44 4.57
CA ASP A 112 -24.71 18.35 4.35
C ASP A 112 -26.13 18.90 4.43
N PRO A 113 -27.04 18.41 3.56
CA PRO A 113 -28.44 18.83 3.71
C PRO A 113 -29.07 18.40 5.04
N ASP A 114 -28.59 17.31 5.65
CA ASP A 114 -29.19 16.81 6.87
C ASP A 114 -28.45 17.41 8.08
N PRO A 115 -29.12 18.23 8.90
CA PRO A 115 -28.42 18.83 10.04
C PRO A 115 -27.88 17.82 11.03
N SER A 116 -28.44 16.62 11.06
CA SER A 116 -27.91 15.58 11.93
C SER A 116 -26.56 15.04 11.43
N LYS A 117 -26.14 15.40 10.22
CA LYS A 117 -24.81 15.00 9.74
C LYS A 117 -23.78 16.11 9.84
N HIS A 118 -24.16 17.33 10.27
CA HIS A 118 -23.23 18.42 10.23
C HIS A 118 -21.99 18.20 11.06
N ARG A 119 -22.11 17.44 12.16
CA ARG A 119 -21.04 17.25 13.08
C ARG A 119 -20.35 15.89 12.92
N THR A 120 -20.56 15.24 11.77
CA THR A 120 -19.99 13.92 11.48
C THR A 120 -18.83 14.02 10.51
N PRO A 121 -17.68 13.43 10.81
CA PRO A 121 -16.56 13.43 9.86
C PRO A 121 -16.93 12.81 8.55
N LEU A 122 -16.34 13.34 7.49
CA LEU A 122 -16.56 12.80 6.14
C LEU A 122 -15.37 11.95 5.72
N ASP A 123 -15.62 11.09 4.73
CA ASP A 123 -14.59 10.18 4.23
C ASP A 123 -13.47 10.94 3.55
N GLY A 124 -13.77 12.07 2.96
CA GLY A 124 -12.79 12.88 2.30
C GLY A 124 -12.11 12.16 1.17
N ALA A 125 -12.87 11.39 0.39
CA ALA A 125 -12.30 10.66 -0.72
C ALA A 125 -11.77 11.64 -1.78
N ASP A 126 -12.58 12.62 -2.19
CA ASP A 126 -12.12 13.60 -3.14
C ASP A 126 -11.35 14.70 -2.44
N ASP A 127 -11.89 15.24 -1.34
CA ASP A 127 -11.28 16.30 -0.57
C ASP A 127 -10.29 15.69 0.42
N GLY A 128 -9.09 15.45 -0.07
CA GLY A 128 -7.99 14.82 0.62
C GLY A 128 -7.48 13.58 -0.12
N GLY A 129 -8.30 12.57 -0.24
CA GLY A 129 -7.83 11.34 -0.83
C GLY A 129 -7.32 11.49 -2.23
N SER A 130 -8.01 12.24 -3.07
CA SER A 130 -7.70 12.26 -4.52
C SER A 130 -6.32 12.85 -4.77
N GLY A 131 -6.00 13.99 -4.17
CA GLY A 131 -4.72 14.63 -4.42
C GLY A 131 -3.57 13.78 -3.93
N VAL A 132 -3.75 13.19 -2.76
CA VAL A 132 -2.71 12.33 -2.18
C VAL A 132 -2.54 11.07 -3.03
N GLY A 133 -3.64 10.48 -3.50
CA GLY A 133 -3.53 9.27 -4.30
C GLY A 133 -2.88 9.52 -5.65
N ALA A 134 -3.21 10.65 -6.29
CA ALA A 134 -2.55 11.05 -7.51
C ALA A 134 -1.06 11.26 -7.27
N LEU A 135 -0.72 11.96 -6.19
CA LEU A 135 0.69 12.19 -5.87
C LEU A 135 1.43 10.92 -5.51
N LEU A 136 0.81 9.95 -4.85
CA LEU A 136 1.45 8.70 -4.60
C LEU A 136 1.79 8.00 -5.90
N GLU A 137 0.88 7.98 -6.86
CA GLU A 137 1.17 7.35 -8.13
C GLU A 137 2.25 8.09 -8.91
N ILE A 138 2.25 9.43 -8.87
CA ILE A 138 3.31 10.24 -9.45
C ILE A 138 4.65 9.89 -8.81
N ALA A 139 4.66 9.81 -7.47
CA ALA A 139 5.86 9.51 -6.76
C ALA A 139 6.37 8.09 -7.06
N ARG A 140 5.44 7.14 -7.26
CA ARG A 140 5.82 5.81 -7.64
C ARG A 140 6.57 5.81 -8.97
N GLN A 141 6.08 6.61 -9.91
CA GLN A 141 6.74 6.74 -11.20
C GLN A 141 8.10 7.46 -11.09
N ILE A 142 8.19 8.48 -10.27
CA ILE A 142 9.44 9.18 -10.08
C ILE A 142 10.48 8.24 -9.48
N GLY A 143 10.08 7.39 -8.52
CA GLY A 143 11.01 6.48 -7.94
C GLY A 143 11.60 5.50 -8.95
N GLN A 144 10.84 5.17 -9.98
CA GLN A 144 11.31 4.25 -11.02
C GLN A 144 12.10 4.93 -12.13
N LYS A 145 11.95 6.24 -12.34
CA LYS A 145 12.58 6.94 -13.45
C LYS A 145 12.78 8.40 -13.06
N ALA A 146 14.00 8.80 -12.77
CA ALA A 146 14.28 10.14 -12.27
C ALA A 146 13.92 11.16 -13.36
N PRO A 147 13.19 12.23 -13.02
CA PRO A 147 12.95 13.28 -14.00
C PRO A 147 14.09 14.20 -14.26
N GLY A 148 15.13 14.20 -13.47
CA GLY A 148 16.23 15.17 -13.80
C GLY A 148 16.20 16.49 -13.05
N ILE A 149 15.16 16.72 -12.28
CA ILE A 149 15.07 17.79 -11.31
CA ILE A 149 14.99 17.83 -11.34
C ILE A 149 14.65 17.18 -10.00
N GLY A 150 14.93 17.87 -8.91
CA GLY A 150 14.47 17.38 -7.63
C GLY A 150 12.96 17.54 -7.50
N ILE A 151 12.32 16.58 -6.85
CA ILE A 151 10.89 16.67 -6.59
C ILE A 151 10.66 16.46 -5.13
N ASP A 152 9.89 17.34 -4.51
CA ASP A 152 9.41 17.15 -3.14
C ASP A 152 7.90 16.92 -3.21
N ILE A 153 7.48 15.81 -2.64
CA ILE A 153 6.07 15.48 -2.47
C ILE A 153 5.73 15.85 -1.04
N ILE A 154 4.75 16.69 -0.83
CA ILE A 154 4.33 17.03 0.54
C ILE A 154 2.83 16.79 0.72
N PHE A 155 2.55 15.98 1.76
CA PHE A 155 1.21 15.80 2.24
C PHE A 155 1.04 16.67 3.51
N PHE A 156 0.28 17.74 3.34
CA PHE A 156 0.04 18.69 4.44
C PHE A 156 -1.17 18.26 5.26
N ASP A 157 -1.00 18.41 6.56
CA ASP A 157 -2.04 18.05 7.51
C ASP A 157 -2.87 19.23 7.93
N ALA A 158 -4.00 18.92 8.52
CA ALA A 158 -4.83 19.90 9.22
C ALA A 158 -5.22 21.05 8.28
N GLU A 159 -5.54 20.74 7.02
CA GLU A 159 -6.01 21.73 6.11
C GLU A 159 -7.49 22.04 6.28
N ASP A 160 -8.25 21.02 6.68
CA ASP A 160 -9.71 21.06 6.51
C ASP A 160 -10.44 21.03 7.88
N TYR A 161 -9.84 21.67 8.86
CA TYR A 161 -10.37 21.78 10.24
C TYR A 161 -10.75 23.24 10.53
N GLY A 162 -11.07 24.01 9.51
CA GLY A 162 -11.45 25.40 9.68
C GLY A 162 -12.86 25.54 10.21
N THR A 163 -13.18 26.76 10.62
CA THR A 163 -14.46 27.09 11.26
C THR A 163 -15.61 26.53 10.43
N PRO A 164 -16.53 25.76 11.06
CA PRO A 164 -17.66 25.24 10.29
C PRO A 164 -18.83 26.23 10.20
N GLU A 165 -19.73 25.93 9.30
CA GLU A 165 -20.87 26.80 9.03
C GLU A 165 -21.71 27.06 10.25
N PHE A 166 -21.76 26.11 11.19
CA PHE A 166 -22.62 26.24 12.37
C PHE A 166 -21.95 26.97 13.52
N VAL A 167 -20.72 27.44 13.36
CA VAL A 167 -20.06 28.26 14.37
C VAL A 167 -20.04 29.70 13.91
N THR A 168 -20.54 30.60 14.76
CA THR A 168 -20.65 32.01 14.43
C THR A 168 -19.39 32.82 14.71
N ASP A 169 -18.57 32.44 15.67
CA ASP A 169 -17.34 33.15 15.94
C ASP A 169 -16.37 33.04 14.77
N TYR A 170 -15.63 34.10 14.52
CA TYR A 170 -14.62 34.15 13.48
C TYR A 170 -13.23 33.90 14.02
N THR A 171 -12.44 33.13 13.26
CA THR A 171 -11.02 32.92 13.48
C THR A 171 -10.29 33.14 12.16
N PRO A 172 -9.31 34.05 12.11
CA PRO A 172 -8.55 34.22 10.87
C PRO A 172 -7.64 33.03 10.63
N ASP A 173 -7.43 32.69 9.36
CA ASP A 173 -6.41 31.70 8.98
C ASP A 173 -6.64 30.35 9.70
N SER A 174 -7.90 29.91 9.73
CA SER A 174 -8.22 28.67 10.41
C SER A 174 -8.05 27.42 9.53
N TRP A 175 -7.89 27.62 8.24
CA TRP A 175 -7.66 26.55 7.29
C TRP A 175 -6.18 26.38 7.05
N CYS A 176 -5.78 25.24 6.48
CA CYS A 176 -4.40 25.07 5.98
C CYS A 176 -3.40 25.24 7.10
N LEU A 177 -3.68 24.64 8.26
CA LEU A 177 -2.84 24.86 9.41
C LEU A 177 -1.46 24.20 9.25
N GLY A 178 -1.43 22.99 8.67
CA GLY A 178 -0.15 22.32 8.48
C GLY A 178 0.77 23.07 7.52
N THR A 179 0.21 23.60 6.46
CA THR A 179 0.97 24.38 5.51
C THR A 179 1.48 25.65 6.15
N GLN A 180 0.65 26.31 6.96
CA GLN A 180 1.10 27.49 7.65
C GLN A 180 2.33 27.19 8.50
N PHE A 181 2.30 26.08 9.26
CA PHE A 181 3.40 25.71 10.11
C PHE A 181 4.66 25.46 9.27
N TRP A 182 4.53 24.65 8.22
CA TRP A 182 5.66 24.28 7.39
C TRP A 182 6.28 25.49 6.70
N ALA A 183 5.43 26.40 6.22
CA ALA A 183 5.94 27.52 5.45
C ALA A 183 6.85 28.40 6.31
N LYS A 184 6.53 28.47 7.61
CA LYS A 184 7.34 29.21 8.55
C LYS A 184 8.51 28.39 9.07
N ASN A 185 8.38 27.07 9.11
CA ASN A 185 9.33 26.11 9.67
C ASN A 185 9.56 25.00 8.65
N PRO A 186 10.26 25.28 7.54
CA PRO A 186 10.34 24.25 6.52
C PRO A 186 11.19 23.10 6.96
N HIS A 187 11.05 21.99 6.28
CA HIS A 187 11.77 20.76 6.67
C HIS A 187 13.26 20.80 6.42
N VAL A 188 13.70 21.67 5.53
CA VAL A 188 15.10 22.01 5.37
C VAL A 188 15.17 23.55 5.39
N PRO A 189 16.29 24.09 5.91
CA PRO A 189 16.37 25.54 6.06
C PRO A 189 16.24 26.30 4.76
N ASN A 190 15.43 27.34 4.75
CA ASN A 190 15.25 28.21 3.61
C ASN A 190 14.83 27.44 2.37
N TYR A 191 13.98 26.44 2.56
CA TYR A 191 13.51 25.62 1.47
C TYR A 191 12.98 26.50 0.36
N THR A 192 13.32 26.14 -0.87
CA THR A 192 12.76 26.79 -2.05
C THR A 192 12.54 25.73 -3.14
N ALA A 193 11.76 26.13 -4.12
CA ALA A 193 11.55 25.34 -5.33
C ALA A 193 11.24 26.33 -6.44
N GLU A 194 11.37 25.88 -7.69
CA GLU A 194 11.11 26.73 -8.83
C GLU A 194 9.62 27.10 -8.89
N TYR A 195 8.78 26.12 -8.61
CA TYR A 195 7.33 26.32 -8.58
C TYR A 195 6.73 25.17 -7.80
N GLY A 196 5.46 25.37 -7.45
CA GLY A 196 4.66 24.37 -6.77
C GLY A 196 3.34 24.09 -7.49
N ILE A 197 2.89 22.83 -7.40
CA ILE A 197 1.59 22.42 -7.89
C ILE A 197 0.85 21.70 -6.76
N LEU A 198 -0.28 22.26 -6.36
CA LEU A 198 -1.22 21.66 -5.42
C LEU A 198 -2.30 20.91 -6.20
N LEU A 199 -2.60 19.69 -5.77
CA LEU A 199 -3.73 18.94 -6.26
C LEU A 199 -4.76 18.88 -5.13
N ASP A 200 -5.97 19.29 -5.40
CA ASP A 200 -7.04 19.24 -4.41
C ASP A 200 -8.34 18.90 -5.12
N MSE A 201 -9.02 17.83 -4.73
CA MSE A 201 -10.27 17.46 -5.42
C MSE A 201 -10.08 17.26 -6.92
O MSE A 201 -10.68 17.94 -7.75
CB MSE A 201 -11.44 18.45 -5.10
CG MSE A 201 -11.79 18.44 -3.60
SE MSE A 201 -13.29 19.47 -3.14
CE MSE A 201 -14.52 18.24 -3.41
N VAL A 202 -9.19 16.32 -7.20
CA VAL A 202 -8.80 15.95 -8.56
C VAL A 202 -9.27 14.56 -8.96
N GLY A 203 -10.28 14.03 -8.25
CA GLY A 203 -10.77 12.71 -8.53
C GLY A 203 -12.20 12.60 -8.99
N GLY A 204 -12.98 13.65 -8.92
CA GLY A 204 -14.41 13.55 -9.19
C GLY A 204 -14.72 13.31 -10.64
N LYS A 205 -15.72 12.47 -10.92
CA LYS A 205 -16.19 12.24 -12.27
C LYS A 205 -16.50 13.59 -12.93
N ASN A 206 -15.99 13.82 -14.15
CA ASN A 206 -16.27 15.06 -14.89
C ASN A 206 -15.86 16.36 -14.18
N ALA A 207 -14.82 16.28 -13.37
CA ALA A 207 -14.25 17.45 -12.72
C ALA A 207 -13.86 18.49 -13.79
N THR A 208 -13.88 19.74 -13.40
CA THR A 208 -13.47 20.85 -14.24
C THR A 208 -12.49 21.72 -13.49
N PHE A 209 -11.26 21.75 -13.99
CA PHE A 209 -10.19 22.52 -13.41
C PHE A 209 -10.04 23.83 -14.18
N PHE A 210 -10.44 24.94 -13.55
CA PHE A 210 -10.30 26.26 -14.14
C PHE A 210 -8.99 26.88 -13.66
N LYS A 211 -8.60 27.95 -14.35
CA LYS A 211 -7.38 28.66 -13.97
C LYS A 211 -7.69 29.52 -12.72
N GLU A 212 -7.22 29.07 -11.56
CA GLU A 212 -7.64 29.70 -10.31
C GLU A 212 -6.95 31.05 -10.12
N GLN A 213 -7.65 31.98 -9.47
CA GLN A 213 -7.17 33.38 -9.47
C GLN A 213 -5.86 33.59 -8.73
N GLN A 214 -5.70 32.97 -7.53
CA GLN A 214 -4.46 33.18 -6.80
C GLN A 214 -3.27 32.58 -7.55
N SER A 215 -3.53 31.43 -8.21
CA SER A 215 -2.56 30.74 -9.03
C SER A 215 -2.12 31.62 -10.18
N LEU A 216 -3.09 32.22 -10.88
CA LEU A 216 -2.76 33.14 -11.97
C LEU A 216 -1.98 34.36 -11.50
N ARG A 217 -2.44 34.96 -10.39
CA ARG A 217 -1.78 36.15 -9.93
C ARG A 217 -0.33 35.90 -9.54
N ALA A 218 -0.06 34.78 -8.88
CA ALA A 218 1.28 34.44 -8.42
C ALA A 218 2.14 33.72 -9.45
N ALA A 219 1.51 33.02 -10.39
CA ALA A 219 2.20 31.94 -11.12
C ALA A 219 1.54 31.70 -12.45
N ALA A 220 1.15 32.75 -13.16
CA ALA A 220 0.48 32.56 -14.45
C ALA A 220 1.28 31.74 -15.42
N PRO A 221 2.62 31.88 -15.48
CA PRO A 221 3.37 31.04 -16.44
C PRO A 221 3.25 29.56 -16.12
N ILE A 222 3.12 29.22 -14.84
CA ILE A 222 2.96 27.85 -14.41
C ILE A 222 1.58 27.34 -14.79
N VAL A 223 0.55 28.15 -14.54
CA VAL A 223 -0.79 27.82 -15.01
C VAL A 223 -0.77 27.53 -16.51
N GLU A 224 -0.21 28.46 -17.27
CA GLU A 224 -0.19 28.31 -18.71
C GLU A 224 0.54 27.05 -19.16
N MSE A 225 1.68 26.77 -18.55
CA MSE A 225 2.43 25.57 -18.90
C MSE A 225 1.62 24.30 -18.64
O MSE A 225 1.57 23.41 -19.48
CB MSE A 225 3.69 25.53 -18.05
CG MSE A 225 4.52 24.24 -18.11
SE MSE A 225 6.12 24.24 -17.10
CE MSE A 225 5.38 24.46 -15.34
N VAL A 226 0.97 24.23 -17.48
CA VAL A 226 0.17 23.07 -17.13
C VAL A 226 -1.06 22.93 -18.03
N TRP A 227 -1.81 24.03 -18.24
CA TRP A 227 -2.99 23.93 -19.03
C TRP A 227 -2.66 23.63 -20.49
N SER A 228 -1.55 24.15 -21.00
CA SER A 228 -1.15 23.84 -22.37
C SER A 228 -0.72 22.40 -22.51
N ALA A 229 0.02 21.87 -21.54
CA ALA A 229 0.38 20.45 -21.55
C ALA A 229 -0.87 19.58 -21.56
N ALA A 230 -1.84 19.92 -20.72
CA ALA A 230 -3.07 19.15 -20.66
C ALA A 230 -3.75 19.14 -22.05
N ARG A 231 -3.79 20.32 -22.68
CA ARG A 231 -4.41 20.40 -24.00
CA ARG A 231 -4.37 20.47 -24.02
C ARG A 231 -3.63 19.56 -25.00
N ASP A 232 -2.32 19.62 -24.96
CA ASP A 232 -1.48 18.81 -25.88
C ASP A 232 -1.81 17.34 -25.74
N LEU A 233 -2.03 16.89 -24.50
CA LEU A 233 -2.30 15.49 -24.20
C LEU A 233 -3.72 15.05 -24.43
N GLY A 234 -4.63 15.97 -24.72
CA GLY A 234 -6.01 15.63 -24.95
C GLY A 234 -6.90 15.71 -23.71
N TYR A 235 -6.48 16.44 -22.69
CA TYR A 235 -7.24 16.54 -21.44
C TYR A 235 -7.89 17.89 -21.25
N GLY A 236 -8.15 18.60 -22.35
CA GLY A 236 -8.83 19.89 -22.27
C GLY A 236 -10.25 19.87 -21.77
N LYS A 237 -10.91 18.72 -21.76
CA LYS A 237 -12.26 18.66 -21.15
C LYS A 237 -12.21 18.72 -19.63
N TYR A 238 -11.03 18.46 -19.06
CA TYR A 238 -10.77 18.62 -17.64
C TYR A 238 -10.09 19.93 -17.32
N PHE A 239 -9.04 20.29 -18.05
CA PHE A 239 -8.33 21.54 -17.84
C PHE A 239 -8.95 22.61 -18.71
N ILE A 240 -9.92 23.30 -18.15
CA ILE A 240 -10.75 24.26 -18.92
C ILE A 240 -9.93 25.53 -19.14
N ASN A 241 -9.89 26.00 -20.39
CA ASN A 241 -9.08 27.14 -20.74
CA ASN A 241 -9.03 27.16 -20.69
C ASN A 241 -9.85 28.42 -20.44
N ALA A 242 -10.06 28.67 -19.17
CA ALA A 242 -10.81 29.79 -18.70
C ALA A 242 -10.42 30.10 -17.28
N ALA A 243 -10.56 31.36 -16.89
CA ALA A 243 -10.37 31.80 -15.52
C ALA A 243 -11.48 31.33 -14.61
N GLY A 244 -11.08 30.83 -13.45
CA GLY A 244 -11.99 30.45 -12.42
C GLY A 244 -12.07 31.49 -11.35
N GLY A 245 -12.52 31.03 -10.21
CA GLY A 245 -12.63 31.86 -9.01
C GLY A 245 -11.36 31.87 -8.17
N ALA A 246 -11.34 32.71 -7.16
CA ALA A 246 -10.31 32.69 -6.13
C ALA A 246 -10.68 31.68 -5.06
N ILE A 247 -9.79 30.74 -4.77
CA ILE A 247 -10.02 29.66 -3.83
C ILE A 247 -8.95 29.70 -2.72
N THR A 248 -9.40 29.72 -1.46
CA THR A 248 -8.52 29.59 -0.31
C THR A 248 -8.03 28.15 -0.25
N ASP A 249 -6.73 27.96 -0.29
CA ASP A 249 -6.17 26.63 -0.27
C ASP A 249 -4.71 26.67 0.10
N ASP A 250 -4.07 25.52 0.26
CA ASP A 250 -2.74 25.47 0.79
C ASP A 250 -1.74 26.27 0.00
N HIS A 251 -1.95 26.37 -1.32
CA HIS A 251 -0.98 27.10 -2.16
C HIS A 251 -0.81 28.56 -1.78
N GLN A 252 -1.85 29.19 -1.24
CA GLN A 252 -1.69 30.60 -0.86
C GLN A 252 -0.65 30.80 0.24
N TYR A 253 -0.54 29.80 1.13
CA TYR A 253 0.37 29.87 2.24
C TYR A 253 1.79 29.48 1.83
N VAL A 254 1.92 28.63 0.81
CA VAL A 254 3.23 28.36 0.23
C VAL A 254 3.74 29.64 -0.46
N ILE A 255 2.87 30.34 -1.19
CA ILE A 255 3.23 31.57 -1.88
C ILE A 255 3.66 32.63 -0.85
N SER A 256 2.84 32.84 0.16
CA SER A 256 3.12 33.92 1.11
C SER A 256 4.30 33.59 2.02
N GLY A 257 4.40 32.35 2.48
CA GLY A 257 5.40 31.97 3.47
C GLY A 257 6.75 31.57 2.91
N ARG A 258 6.78 30.95 1.72
CA ARG A 258 8.07 30.49 1.10
CA ARG A 258 7.99 30.42 1.13
C ARG A 258 8.38 31.19 -0.16
N ASN A 259 7.47 32.04 -0.67
CA ASN A 259 7.70 32.76 -1.91
CA ASN A 259 7.69 32.76 -1.92
C ASN A 259 7.98 31.81 -3.07
N ILE A 260 7.26 30.69 -3.09
CA ILE A 260 7.32 29.72 -4.20
C ILE A 260 6.06 29.93 -5.04
N PRO A 261 6.21 30.38 -6.31
CA PRO A 261 5.03 30.53 -7.17
C PRO A 261 4.32 29.17 -7.31
N SER A 262 3.04 29.14 -6.95
CA SER A 262 2.32 27.86 -6.83
C SER A 262 0.94 27.99 -7.40
N ILE A 263 0.45 26.89 -7.96
CA ILE A 263 -0.87 26.81 -8.52
C ILE A 263 -1.70 25.73 -7.84
N ASP A 264 -3.01 25.83 -8.02
CA ASP A 264 -3.98 24.86 -7.51
C ASP A 264 -4.75 24.26 -8.65
N ILE A 265 -4.68 22.93 -8.78
CA ILE A 265 -5.50 22.16 -9.71
C ILE A 265 -6.62 21.59 -8.86
N ILE A 266 -7.82 22.08 -9.07
CA ILE A 266 -8.97 21.83 -8.19
C ILE A 266 -10.25 21.91 -8.96
N ASN A 267 -11.14 20.97 -8.71
CA ASN A 267 -12.47 20.99 -9.32
CA ASN A 267 -12.47 21.03 -9.33
C ASN A 267 -13.24 22.23 -8.84
N TYR A 268 -13.63 23.09 -9.77
CA TYR A 268 -14.37 24.28 -9.53
C TYR A 268 -15.58 24.30 -10.43
N ASP A 269 -16.72 24.71 -9.88
CA ASP A 269 -17.96 24.87 -10.63
C ASP A 269 -18.43 26.30 -10.56
N PRO A 270 -18.34 27.08 -11.68
CA PRO A 270 -18.63 28.56 -11.65
C PRO A 270 -20.06 28.96 -11.37
N GLU A 271 -20.90 27.96 -11.40
CA GLU A 271 -22.35 28.11 -11.20
CA GLU A 271 -22.33 28.12 -11.16
C GLU A 271 -22.87 27.40 -9.90
N SER A 272 -22.04 26.62 -9.16
CA SER A 272 -22.37 25.97 -7.83
CA SER A 272 -22.56 26.03 -7.90
C SER A 272 -22.53 27.06 -6.78
N LYS A 273 -23.41 26.86 -5.79
CA LYS A 273 -23.48 27.84 -4.71
C LYS A 273 -22.16 28.05 -3.95
N THR A 274 -21.36 26.99 -3.76
CA THR A 274 -20.12 27.07 -3.03
C THR A 274 -18.89 27.25 -3.94
N GLY A 275 -19.04 27.05 -5.25
CA GLY A 275 -17.95 26.92 -6.20
C GLY A 275 -17.35 25.54 -6.28
N PHE A 276 -17.77 24.61 -5.43
CA PHE A 276 -17.20 23.28 -5.38
C PHE A 276 -18.21 22.25 -5.84
N ALA A 277 -17.73 21.01 -5.94
CA ALA A 277 -18.56 19.89 -6.27
C ALA A 277 -19.73 19.80 -5.32
N SER A 278 -20.82 19.26 -5.81
CA SER A 278 -22.07 19.15 -5.05
C SER A 278 -21.92 18.49 -3.69
N TYR A 279 -21.00 17.53 -3.61
CA TYR A 279 -20.77 16.74 -2.43
C TYR A 279 -19.72 17.31 -1.49
N TRP A 280 -19.16 18.46 -1.80
CA TRP A 280 -18.13 19.07 -0.97
C TRP A 280 -18.64 19.35 0.46
N HIS A 281 -17.88 18.86 1.43
CA HIS A 281 -18.22 19.07 2.85
C HIS A 281 -19.60 18.48 3.22
N THR A 282 -19.91 17.38 2.55
CA THR A 282 -21.06 16.56 2.88
C THR A 282 -20.63 15.11 3.06
N GLN A 283 -21.55 14.30 3.60
CA GLN A 283 -21.33 12.88 3.72
C GLN A 283 -21.10 12.16 2.41
N LYS A 284 -21.51 12.77 1.31
CA LYS A 284 -21.32 12.15 0.00
C LYS A 284 -19.94 12.37 -0.62
N ASP A 285 -18.99 12.95 0.11
CA ASP A 285 -17.60 12.95 -0.34
C ASP A 285 -16.94 11.60 0.02
N ASN A 286 -17.34 10.62 -0.79
CA ASN A 286 -16.99 9.24 -0.56
C ASN A 286 -16.48 8.62 -1.89
N MSE A 287 -16.22 7.33 -1.88
CA MSE A 287 -15.57 6.71 -3.02
C MSE A 287 -16.42 6.71 -4.27
O MSE A 287 -15.89 6.58 -5.37
CB MSE A 287 -15.13 5.28 -2.72
CG MSE A 287 -13.92 5.13 -1.77
SE MSE A 287 -12.33 5.98 -2.47
CE MSE A 287 -12.16 5.08 -4.16
N GLU A 288 -17.74 6.89 -4.16
CA GLU A 288 -18.58 6.76 -5.32
CA GLU A 288 -18.66 6.85 -5.29
C GLU A 288 -18.30 7.82 -6.40
N ASN A 289 -17.77 8.97 -6.03
CA ASN A 289 -17.51 9.99 -7.02
C ASN A 289 -16.17 9.85 -7.72
N ILE A 290 -15.27 9.01 -7.19
CA ILE A 290 -13.91 8.97 -7.66
C ILE A 290 -13.86 8.26 -8.99
N ASP A 291 -13.10 8.83 -9.91
CA ASP A 291 -13.12 8.43 -11.31
CA ASP A 291 -13.13 8.42 -11.33
C ASP A 291 -11.72 8.32 -11.86
N ARG A 292 -11.38 7.17 -12.44
CA ARG A 292 -10.06 6.92 -12.98
C ARG A 292 -9.72 7.89 -14.11
N GLU A 293 -10.68 8.23 -14.94
CA GLU A 293 -10.39 9.13 -16.06
CA GLU A 293 -10.43 9.16 -16.06
C GLU A 293 -9.98 10.52 -15.55
N THR A 294 -10.64 11.01 -14.49
CA THR A 294 -10.24 12.29 -13.93
C THR A 294 -8.84 12.21 -13.35
N LEU A 295 -8.58 11.18 -12.54
CA LEU A 295 -7.26 11.02 -11.96
C LEU A 295 -6.19 10.96 -13.04
N LYS A 296 -6.47 10.23 -14.12
CA LYS A 296 -5.52 10.11 -15.22
C LYS A 296 -5.20 11.48 -15.81
N ALA A 297 -6.23 12.28 -16.07
CA ALA A 297 -6.02 13.59 -16.68
C ALA A 297 -5.12 14.45 -15.79
N ALA A 298 -5.42 14.51 -14.49
CA ALA A 298 -4.61 15.30 -13.59
C ALA A 298 -3.20 14.78 -13.50
N GLY A 299 -3.07 13.48 -13.25
CA GLY A 299 -1.78 12.91 -13.00
C GLY A 299 -0.85 12.88 -14.20
N GLN A 300 -1.39 12.51 -15.35
CA GLN A 300 -0.55 12.46 -16.53
C GLN A 300 -0.08 13.86 -16.92
N THR A 301 -0.94 14.86 -16.76
CA THR A 301 -0.54 16.24 -17.04
C THR A 301 0.62 16.65 -16.14
N VAL A 302 0.56 16.33 -14.82
CA VAL A 302 1.63 16.70 -13.96
C VAL A 302 2.92 15.99 -14.37
N LEU A 303 2.85 14.70 -14.69
CA LEU A 303 4.07 14.01 -15.14
C LEU A 303 4.68 14.70 -16.38
N GLU A 304 3.83 14.99 -17.34
CA GLU A 304 4.31 15.67 -18.56
C GLU A 304 5.07 16.95 -18.25
N VAL A 305 4.56 17.74 -17.32
CA VAL A 305 5.13 18.98 -16.97
CA VAL A 305 5.23 19.00 -17.06
C VAL A 305 6.48 18.82 -16.26
N ILE A 306 6.54 17.95 -15.25
CA ILE A 306 7.75 17.83 -14.46
C ILE A 306 8.86 17.10 -15.21
N TYR A 307 8.51 16.19 -16.10
CA TYR A 307 9.51 15.49 -16.89
C TYR A 307 9.86 16.22 -18.16
N ASN A 308 8.96 17.01 -18.72
CA ASN A 308 9.05 17.32 -20.13
C ASN A 308 8.51 18.69 -20.53
N ARG A 309 8.40 19.63 -19.60
CA ARG A 309 8.16 21.06 -19.93
C ARG A 309 9.09 21.92 -19.12
N ALA B 18 22.12 -6.70 -11.76
CA ALA B 18 21.31 -7.63 -12.58
C ALA B 18 20.07 -8.16 -11.80
N VAL B 19 20.18 -9.11 -10.83
CA VAL B 19 19.08 -9.53 -9.93
C VAL B 19 18.64 -8.27 -9.17
N PRO B 20 17.35 -7.99 -9.11
CA PRO B 20 16.86 -6.85 -8.35
C PRO B 20 17.24 -6.95 -6.89
N ASP B 21 17.25 -5.79 -6.24
CA ASP B 21 17.49 -5.72 -4.82
CA ASP B 21 17.49 -5.60 -4.82
C ASP B 21 16.15 -5.72 -4.07
N PHE B 22 16.02 -6.71 -3.17
CA PHE B 22 14.86 -6.81 -2.31
C PHE B 22 14.96 -5.71 -1.26
N ASN B 23 13.96 -4.85 -1.18
CA ASN B 23 13.99 -3.76 -0.19
CA ASN B 23 13.96 -3.76 -0.22
C ASN B 23 13.31 -4.26 1.08
N ALA B 24 14.10 -4.53 2.09
CA ALA B 24 13.57 -5.12 3.30
C ALA B 24 12.70 -4.16 4.09
N ASP B 25 12.99 -2.85 4.04
CA ASP B 25 12.12 -1.84 4.66
CA ASP B 25 12.12 -1.93 4.72
C ASP B 25 10.73 -1.94 4.08
N SER B 26 10.66 -2.05 2.75
CA SER B 26 9.40 -2.17 2.04
C SER B 26 8.65 -3.44 2.41
N ALA B 27 9.35 -4.56 2.46
CA ALA B 27 8.74 -5.81 2.88
C ALA B 27 8.17 -5.70 4.29
N TYR B 28 8.94 -5.11 5.20
CA TYR B 28 8.51 -4.89 6.59
C TYR B 28 7.21 -4.10 6.60
N ALA B 29 7.16 -3.02 5.82
CA ALA B 29 5.97 -2.21 5.76
C ALA B 29 4.78 -2.97 5.20
N TYR B 30 4.97 -3.86 4.23
CA TYR B 30 3.88 -4.71 3.77
C TYR B 30 3.39 -5.65 4.89
N VAL B 31 4.26 -6.18 5.71
CA VAL B 31 3.83 -6.95 6.89
C VAL B 31 2.99 -6.09 7.80
N ALA B 32 3.51 -4.89 8.11
CA ALA B 32 2.79 -3.97 8.99
C ALA B 32 1.43 -3.62 8.43
N ASN B 33 1.34 -3.39 7.11
CA ASN B 33 0.08 -3.01 6.53
C ASN B 33 -0.97 -4.11 6.66
N GLN B 34 -0.58 -5.37 6.54
CA GLN B 34 -1.53 -6.46 6.77
C GLN B 34 -2.01 -6.48 8.22
N VAL B 35 -1.05 -6.38 9.14
CA VAL B 35 -1.39 -6.47 10.57
C VAL B 35 -2.27 -5.31 11.01
N ALA B 36 -2.11 -4.17 10.35
CA ALA B 36 -2.89 -2.96 10.70
C ALA B 36 -4.38 -3.13 10.49
N PHE B 37 -4.79 -4.04 9.60
CA PHE B 37 -6.23 -4.26 9.40
C PHE B 37 -6.88 -4.92 10.63
N GLY B 38 -6.10 -5.57 11.48
CA GLY B 38 -6.57 -6.50 12.49
C GLY B 38 -6.44 -7.92 11.99
N PRO B 39 -6.65 -8.91 12.85
CA PRO B 39 -6.46 -10.28 12.43
C PRO B 39 -7.26 -10.65 11.18
N ARG B 40 -6.59 -11.27 10.20
CA ARG B 40 -7.24 -11.61 8.95
C ARG B 40 -7.97 -12.98 9.08
N VAL B 41 -8.99 -12.98 9.91
CA VAL B 41 -9.75 -14.21 10.16
C VAL B 41 -10.85 -14.28 9.10
N PRO B 42 -10.99 -15.40 8.37
CA PRO B 42 -12.03 -15.54 7.39
C PRO B 42 -13.39 -15.18 7.98
N ASN B 43 -14.15 -14.44 7.20
CA ASN B 43 -15.51 -13.94 7.50
C ASN B 43 -15.51 -12.59 8.16
N THR B 44 -14.39 -12.07 8.58
CA THR B 44 -14.32 -10.78 9.26
C THR B 44 -14.11 -9.63 8.28
N ALA B 45 -14.43 -8.43 8.75
CA ALA B 45 -14.21 -7.22 7.97
C ALA B 45 -12.71 -7.04 7.67
N ALA B 46 -11.86 -7.36 8.63
CA ALA B 46 -10.41 -7.20 8.44
C ALA B 46 -9.91 -8.07 7.31
N HIS B 47 -10.42 -9.30 7.24
CA HIS B 47 -10.05 -10.23 6.16
C HIS B 47 -10.47 -9.67 4.82
N LYS B 48 -11.69 -9.20 4.73
CA LYS B 48 -12.13 -8.69 3.47
CA LYS B 48 -12.20 -8.60 3.50
C LYS B 48 -11.34 -7.43 3.03
N ALA B 49 -11.05 -6.53 3.97
CA ALA B 49 -10.30 -5.32 3.67
C ALA B 49 -8.87 -5.68 3.28
N CYS B 50 -8.21 -6.57 4.03
CA CYS B 50 -6.86 -6.92 3.68
C CYS B 50 -6.78 -7.63 2.34
N GLY B 51 -7.72 -8.54 2.04
CA GLY B 51 -7.68 -9.22 0.77
C GLY B 51 -7.80 -8.23 -0.37
N ASP B 52 -8.71 -7.23 -0.24
CA ASP B 52 -8.84 -6.22 -1.28
C ASP B 52 -7.51 -5.48 -1.45
N TYR B 53 -6.86 -5.12 -0.37
CA TYR B 53 -5.55 -4.47 -0.40
C TYR B 53 -4.51 -5.32 -1.13
N LEU B 54 -4.43 -6.61 -0.79
CA LEU B 54 -3.46 -7.47 -1.41
C LEU B 54 -3.69 -7.58 -2.92
N ALA B 55 -4.94 -7.75 -3.32
CA ALA B 55 -5.29 -7.83 -4.74
C ALA B 55 -4.90 -6.55 -5.48
N SER B 56 -5.18 -5.38 -4.87
CA SER B 56 -4.82 -4.14 -5.52
C SER B 56 -3.34 -3.92 -5.61
N GLU B 57 -2.58 -4.40 -4.65
CA GLU B 57 -1.10 -4.28 -4.73
CA GLU B 57 -1.18 -4.21 -4.69
C GLU B 57 -0.59 -5.07 -5.87
N LEU B 58 -1.02 -6.33 -6.01
CA LEU B 58 -0.55 -7.15 -7.12
C LEU B 58 -0.94 -6.52 -8.47
N LYS B 59 -2.14 -5.99 -8.55
CA LYS B 59 -2.55 -5.32 -9.78
CA LYS B 59 -2.54 -5.35 -9.79
C LYS B 59 -1.64 -4.15 -10.13
N ARG B 60 -1.30 -3.34 -9.13
CA ARG B 60 -0.38 -2.18 -9.25
CA ARG B 60 -0.45 -2.19 -9.40
C ARG B 60 0.93 -2.62 -9.92
N PHE B 61 1.43 -3.76 -9.51
CA PHE B 61 2.73 -4.23 -10.00
C PHE B 61 2.64 -4.68 -11.46
N GLY B 62 1.46 -4.85 -12.02
CA GLY B 62 1.29 -5.33 -13.34
C GLY B 62 0.88 -6.77 -13.48
N ALA B 63 0.60 -7.45 -12.37
CA ALA B 63 0.17 -8.83 -12.43
C ALA B 63 -1.23 -8.94 -13.01
N LYS B 64 -1.50 -10.07 -13.65
CA LYS B 64 -2.86 -10.48 -13.98
CA LYS B 64 -2.84 -10.49 -13.99
C LYS B 64 -3.41 -11.15 -12.74
N VAL B 65 -4.45 -10.56 -12.14
CA VAL B 65 -4.92 -11.01 -10.84
C VAL B 65 -6.17 -11.84 -10.99
N TYR B 66 -6.16 -12.98 -10.30
CA TYR B 66 -7.33 -13.85 -10.18
C TYR B 66 -7.69 -13.91 -8.70
N GLN B 67 -8.95 -13.71 -8.37
CA GLN B 67 -9.45 -13.82 -7.00
C GLN B 67 -10.39 -15.00 -6.98
N GLN B 68 -9.97 -16.10 -6.38
CA GLN B 68 -10.68 -17.35 -6.34
C GLN B 68 -11.44 -17.43 -5.03
N GLU B 69 -12.75 -17.16 -5.12
CA GLU B 69 -13.61 -17.17 -3.97
CA GLU B 69 -13.63 -17.16 -3.97
C GLU B 69 -14.33 -18.50 -3.86
N ALA B 70 -14.35 -19.06 -2.67
CA ALA B 70 -15.01 -20.34 -2.45
C ALA B 70 -15.44 -20.40 -1.01
N ILE B 71 -16.54 -21.09 -0.79
CA ILE B 71 -16.98 -21.39 0.57
CA ILE B 71 -16.98 -21.40 0.57
C ILE B 71 -16.33 -22.70 1.03
N LEU B 72 -15.48 -22.62 2.03
CA LEU B 72 -14.75 -23.77 2.54
C LEU B 72 -15.28 -24.12 3.90
N THR B 73 -15.15 -25.36 4.33
CA THR B 73 -15.73 -25.81 5.58
C THR B 73 -14.63 -26.12 6.59
N ALA B 74 -14.65 -25.43 7.71
CA ALA B 74 -13.69 -25.61 8.77
C ALA B 74 -14.05 -26.87 9.58
N TYR B 75 -13.13 -27.24 10.45
CA TYR B 75 -13.27 -28.45 11.23
C TYR B 75 -14.55 -28.49 12.05
N ASP B 76 -15.04 -27.34 12.49
CA ASP B 76 -16.22 -27.21 13.37
C ASP B 76 -17.47 -26.97 12.56
N GLY B 77 -17.42 -27.06 11.23
CA GLY B 77 -18.56 -26.82 10.38
C GLY B 77 -18.67 -25.39 9.92
N THR B 78 -17.90 -24.45 10.44
CA THR B 78 -18.06 -23.05 10.02
C THR B 78 -17.80 -22.97 8.51
N LYS B 79 -18.67 -22.28 7.82
CA LYS B 79 -18.52 -21.97 6.43
C LYS B 79 -17.67 -20.70 6.27
N LEU B 80 -16.51 -20.85 5.67
CA LEU B 80 -15.54 -19.78 5.53
C LEU B 80 -15.63 -19.19 4.15
N GLU B 81 -15.81 -17.87 4.07
CA GLU B 81 -15.82 -17.12 2.83
CA GLU B 81 -15.82 -17.14 2.83
C GLU B 81 -14.37 -16.88 2.44
N ALA B 82 -13.78 -17.84 1.78
CA ALA B 82 -12.34 -17.88 1.49
C ALA B 82 -12.08 -17.20 0.14
N ARG B 83 -10.87 -16.70 0.01
CA ARG B 83 -10.41 -16.04 -1.19
C ARG B 83 -8.93 -16.27 -1.36
N ASN B 84 -8.56 -17.11 -2.33
CA ASN B 84 -7.19 -17.21 -2.76
C ASN B 84 -6.90 -16.12 -3.77
N ILE B 85 -5.73 -15.49 -3.65
CA ILE B 85 -5.37 -14.36 -4.50
C ILE B 85 -4.15 -14.73 -5.32
N ILE B 86 -4.29 -14.69 -6.63
CA ILE B 86 -3.23 -15.11 -7.54
C ILE B 86 -2.84 -13.90 -8.42
N GLY B 87 -1.51 -13.63 -8.43
CA GLY B 87 -0.99 -12.63 -9.37
C GLY B 87 -0.01 -13.28 -10.31
N SER B 88 -0.29 -13.21 -11.59
CA SER B 88 0.52 -13.88 -12.58
CA SER B 88 0.48 -13.88 -12.62
C SER B 88 1.25 -12.85 -13.47
N PHE B 89 2.56 -13.03 -13.53
CA PHE B 89 3.42 -12.22 -14.39
C PHE B 89 3.83 -13.06 -15.60
N ASP B 90 3.93 -12.40 -16.78
CA ASP B 90 4.22 -13.05 -18.09
C ASP B 90 3.27 -14.26 -18.26
N PRO B 91 1.95 -14.02 -18.19
CA PRO B 91 1.01 -15.10 -18.06
C PRO B 91 1.01 -16.14 -19.19
N GLU B 92 1.46 -15.76 -20.37
CA GLU B 92 1.48 -16.72 -21.45
C GLU B 92 2.69 -17.64 -21.50
N ASN B 93 3.69 -17.38 -20.67
CA ASN B 93 4.87 -18.23 -20.64
C ASN B 93 4.50 -19.63 -20.08
N SER B 94 4.74 -20.69 -20.85
CA SER B 94 4.51 -22.04 -20.33
C SER B 94 5.48 -22.45 -19.22
N LYS B 95 6.65 -21.81 -19.17
CA LYS B 95 7.66 -22.05 -18.13
CA LYS B 95 7.66 -22.06 -18.13
C LYS B 95 7.40 -21.09 -16.97
N ARG B 96 7.11 -21.67 -15.80
CA ARG B 96 6.64 -20.88 -14.67
C ARG B 96 7.28 -21.36 -13.39
N VAL B 97 7.30 -20.44 -12.43
CA VAL B 97 7.63 -20.73 -11.04
C VAL B 97 6.50 -20.19 -10.16
N LEU B 98 6.11 -21.03 -9.19
CA LEU B 98 5.07 -20.70 -8.22
C LEU B 98 5.70 -20.25 -6.92
N LEU B 99 5.33 -19.08 -6.44
CA LEU B 99 5.79 -18.56 -5.14
C LEU B 99 4.55 -18.28 -4.32
N PHE B 100 4.51 -18.83 -3.06
CA PHE B 100 3.22 -18.78 -2.35
C PHE B 100 3.43 -18.65 -0.85
N ALA B 101 2.34 -18.28 -0.20
CA ALA B 101 2.27 -18.02 1.23
C ALA B 101 0.80 -17.99 1.62
N HIS B 102 0.51 -18.22 2.90
CA HIS B 102 -0.86 -18.05 3.39
C HIS B 102 -1.06 -16.64 3.94
N TRP B 103 -2.27 -16.11 3.81
CA TRP B 103 -2.52 -14.75 4.24
C TRP B 103 -3.53 -14.58 5.34
N ASP B 104 -4.25 -15.67 5.70
CA ASP B 104 -5.18 -15.58 6.82
C ASP B 104 -4.41 -15.61 8.15
N SER B 105 -5.13 -15.17 9.17
CA SER B 105 -4.66 -15.24 10.55
C SER B 105 -5.51 -16.24 11.34
N ARG B 106 -4.87 -16.99 12.20
CA ARG B 106 -5.56 -17.97 13.04
C ARG B 106 -6.53 -17.29 13.97
N PRO B 107 -7.75 -17.88 14.12
CA PRO B 107 -8.75 -17.31 15.04
C PRO B 107 -8.57 -17.64 16.49
N TYR B 108 -7.52 -18.36 16.81
CA TYR B 108 -7.22 -18.85 18.12
C TYR B 108 -5.77 -18.56 18.45
N SER B 109 -5.44 -18.53 19.73
CA SER B 109 -4.08 -18.51 20.25
C SER B 109 -3.91 -19.70 21.15
N ASP B 110 -4.06 -20.88 20.54
CA ASP B 110 -4.25 -22.11 21.28
C ASP B 110 -3.01 -22.69 21.93
N HIS B 111 -1.86 -22.08 21.68
CA HIS B 111 -0.61 -22.36 22.40
C HIS B 111 -0.23 -21.27 23.37
N ASP B 112 -1.10 -20.28 23.58
CA ASP B 112 -0.79 -19.22 24.53
C ASP B 112 -0.70 -19.79 25.93
N PRO B 113 0.23 -19.29 26.76
CA PRO B 113 0.26 -19.75 28.16
C PRO B 113 -1.00 -19.38 28.95
N ASP B 114 -1.72 -18.35 28.55
CA ASP B 114 -2.89 -17.88 29.28
C ASP B 114 -4.14 -18.55 28.67
N PRO B 115 -4.84 -19.44 29.41
CA PRO B 115 -6.04 -20.04 28.84
C PRO B 115 -7.11 -19.03 28.41
N SER B 116 -7.14 -17.85 29.02
CA SER B 116 -8.10 -16.86 28.62
CA SER B 116 -8.06 -16.80 28.66
C SER B 116 -7.77 -16.23 27.28
N LYS B 117 -6.60 -16.56 26.70
CA LYS B 117 -6.27 -16.13 25.33
C LYS B 117 -6.46 -17.22 24.29
N HIS B 118 -6.78 -18.45 24.70
CA HIS B 118 -6.80 -19.54 23.72
C HIS B 118 -7.75 -19.30 22.58
N ARG B 119 -8.88 -18.62 22.82
CA ARG B 119 -9.94 -18.44 21.87
C ARG B 119 -9.90 -17.05 21.22
N THR B 120 -8.76 -16.36 21.32
CA THR B 120 -8.62 -15.02 20.76
C THR B 120 -7.79 -15.08 19.49
N PRO B 121 -8.21 -14.37 18.43
CA PRO B 121 -7.40 -14.33 17.21
C PRO B 121 -6.05 -13.69 17.47
N LEU B 122 -5.07 -14.14 16.71
CA LEU B 122 -3.72 -13.56 16.81
C LEU B 122 -3.43 -12.65 15.59
N ASP B 123 -2.47 -11.77 15.75
CA ASP B 123 -2.16 -10.82 14.71
C ASP B 123 -1.59 -11.55 13.48
N GLY B 124 -0.91 -12.63 13.70
CA GLY B 124 -0.36 -13.41 12.61
C GLY B 124 0.67 -12.60 11.81
N ALA B 125 1.49 -11.84 12.52
CA ALA B 125 2.52 -11.06 11.87
C ALA B 125 3.56 -11.96 11.19
N ASP B 126 4.09 -12.95 11.93
CA ASP B 126 5.03 -13.86 11.32
C ASP B 126 4.27 -14.96 10.59
N ASP B 127 3.25 -15.52 11.22
CA ASP B 127 2.49 -16.63 10.67
C ASP B 127 1.36 -16.05 9.82
N GLY B 128 1.71 -15.74 8.57
CA GLY B 128 0.86 -15.11 7.57
C GLY B 128 1.49 -13.86 7.03
N GLY B 129 1.63 -12.84 7.85
CA GLY B 129 2.12 -11.61 7.34
C GLY B 129 3.49 -11.68 6.68
N SER B 130 4.43 -12.40 7.27
CA SER B 130 5.81 -12.33 6.80
C SER B 130 5.98 -12.89 5.39
N GLY B 131 5.36 -14.02 5.10
CA GLY B 131 5.51 -14.63 3.76
C GLY B 131 4.85 -13.75 2.73
N VAL B 132 3.67 -13.25 3.05
CA VAL B 132 2.97 -12.39 2.12
C VAL B 132 3.73 -11.09 1.86
N GLY B 133 4.28 -10.48 2.93
CA GLY B 133 5.03 -9.25 2.79
C GLY B 133 6.31 -9.42 1.96
N ALA B 134 7.00 -10.52 2.20
CA ALA B 134 8.17 -10.84 1.38
C ALA B 134 7.76 -11.06 -0.09
N LEU B 135 6.65 -11.77 -0.34
CA LEU B 135 6.22 -11.99 -1.68
C LEU B 135 5.72 -10.72 -2.35
N LEU B 136 5.10 -9.80 -1.60
CA LEU B 136 4.72 -8.54 -2.20
C LEU B 136 5.93 -7.77 -2.67
N GLU B 137 6.99 -7.73 -1.87
CA GLU B 137 8.19 -7.04 -2.30
C GLU B 137 8.88 -7.72 -3.48
N ILE B 138 8.87 -9.06 -3.49
CA ILE B 138 9.39 -9.82 -4.65
C ILE B 138 8.56 -9.45 -5.89
N ALA B 139 7.24 -9.43 -5.75
CA ALA B 139 6.35 -9.09 -6.84
C ALA B 139 6.55 -7.68 -7.34
N ARG B 140 6.81 -6.74 -6.43
CA ARG B 140 7.09 -5.39 -6.83
C ARG B 140 8.28 -5.33 -7.77
N GLN B 141 9.33 -6.06 -7.38
CA GLN B 141 10.57 -6.16 -8.16
C GLN B 141 10.32 -6.83 -9.52
N ILE B 142 9.54 -7.90 -9.56
CA ILE B 142 9.20 -8.58 -10.81
C ILE B 142 8.48 -7.63 -11.71
N GLY B 143 7.53 -6.85 -11.18
CA GLY B 143 6.81 -5.93 -12.02
C GLY B 143 7.68 -4.90 -12.72
N GLN B 144 8.78 -4.53 -12.06
CA GLN B 144 9.72 -3.55 -12.62
C GLN B 144 10.75 -4.15 -13.56
N LYS B 145 11.05 -5.43 -13.43
CA LYS B 145 12.12 -6.08 -14.22
C LYS B 145 11.77 -7.56 -14.40
N ALA B 146 11.36 -7.94 -15.60
CA ALA B 146 10.92 -9.31 -15.88
C ALA B 146 12.07 -10.28 -15.67
N PRO B 147 11.85 -11.38 -14.91
CA PRO B 147 12.94 -12.38 -14.80
C PRO B 147 13.11 -13.29 -15.99
N GLY B 148 12.19 -13.30 -16.93
CA GLY B 148 12.42 -14.21 -18.11
C GLY B 148 11.75 -15.59 -18.02
N ILE B 149 11.08 -15.85 -16.92
CA ILE B 149 10.18 -16.97 -16.76
CA ILE B 149 10.22 -17.02 -16.69
C ILE B 149 8.90 -16.43 -16.17
N GLY B 150 7.81 -17.14 -16.37
CA GLY B 150 6.55 -16.71 -15.77
C GLY B 150 6.62 -16.91 -14.27
N ILE B 151 6.02 -16.01 -13.49
CA ILE B 151 5.94 -16.15 -12.03
C ILE B 151 4.48 -16.00 -11.64
N ASP B 152 4.03 -16.96 -10.82
CA ASP B 152 2.74 -16.84 -10.16
C ASP B 152 2.97 -16.63 -8.68
N ILE B 153 2.41 -15.58 -8.15
CA ILE B 153 2.40 -15.25 -6.70
C ILE B 153 1.00 -15.66 -6.22
N ILE B 154 0.95 -16.58 -5.26
CA ILE B 154 -0.33 -16.98 -4.70
C ILE B 154 -0.35 -16.78 -3.20
N PHE B 155 -1.38 -16.08 -2.76
CA PHE B 155 -1.73 -15.92 -1.34
C PHE B 155 -2.91 -16.84 -1.09
N PHE B 156 -2.65 -17.92 -0.36
CA PHE B 156 -3.65 -18.94 -0.04
C PHE B 156 -4.38 -18.57 1.24
N ASP B 157 -5.68 -18.74 1.22
CA ASP B 157 -6.54 -18.45 2.38
C ASP B 157 -6.74 -19.69 3.25
N ALA B 158 -7.26 -19.44 4.45
CA ALA B 158 -7.79 -20.48 5.31
C ALA B 158 -6.78 -21.59 5.55
N GLU B 159 -5.50 -21.25 5.72
CA GLU B 159 -4.49 -22.21 6.10
C GLU B 159 -4.50 -22.56 7.54
N ASP B 160 -4.87 -21.58 8.39
CA ASP B 160 -4.55 -21.64 9.80
C ASP B 160 -5.81 -21.68 10.68
N TYR B 161 -6.82 -22.34 10.17
CA TYR B 161 -8.13 -22.52 10.82
C TYR B 161 -8.33 -24.01 11.20
N GLY B 162 -7.23 -24.73 11.39
CA GLY B 162 -7.33 -26.15 11.75
C GLY B 162 -7.68 -26.36 13.19
N THR B 163 -7.97 -27.61 13.53
CA THR B 163 -8.45 -27.98 14.85
C THR B 163 -7.53 -27.43 15.93
N PRO B 164 -8.07 -26.73 16.92
CA PRO B 164 -7.24 -26.19 17.97
C PRO B 164 -6.98 -27.20 19.08
N GLU B 165 -5.99 -26.90 19.90
CA GLU B 165 -5.57 -27.78 20.95
C GLU B 165 -6.68 -28.13 21.93
N PHE B 166 -7.61 -27.22 22.13
CA PHE B 166 -8.71 -27.40 23.09
C PHE B 166 -9.88 -28.15 22.54
N VAL B 167 -9.81 -28.63 21.31
CA VAL B 167 -10.86 -29.45 20.71
C VAL B 167 -10.36 -30.89 20.59
N THR B 168 -11.10 -31.82 21.16
CA THR B 168 -10.69 -33.22 21.22
C THR B 168 -11.05 -34.00 19.96
N ASP B 169 -12.11 -33.66 19.26
CA ASP B 169 -12.48 -34.37 18.08
C ASP B 169 -11.46 -34.15 16.97
N TYR B 170 -11.30 -35.15 16.11
CA TYR B 170 -10.36 -35.11 14.99
C TYR B 170 -11.05 -34.89 13.68
N THR B 171 -10.41 -34.05 12.87
CA THR B 171 -10.82 -33.82 11.49
C THR B 171 -9.57 -33.97 10.61
N PRO B 172 -9.62 -34.83 9.58
CA PRO B 172 -8.44 -34.95 8.72
C PRO B 172 -8.32 -33.71 7.84
N ASP B 173 -7.10 -33.32 7.49
CA ASP B 173 -6.93 -32.29 6.46
C ASP B 173 -7.66 -31.01 6.81
N SER B 174 -7.54 -30.57 8.08
CA SER B 174 -8.25 -29.37 8.54
C SER B 174 -7.48 -28.07 8.28
N TRP B 175 -6.20 -28.21 7.98
CA TRP B 175 -5.30 -27.10 7.72
C TRP B 175 -5.22 -26.88 6.21
N CYS B 176 -4.74 -25.70 5.79
CA CYS B 176 -4.42 -25.50 4.37
C CYS B 176 -5.64 -25.65 3.48
N LEU B 177 -6.80 -25.13 3.89
CA LEU B 177 -8.04 -25.36 3.19
C LEU B 177 -8.04 -24.67 1.84
N GLY B 178 -7.52 -23.46 1.77
CA GLY B 178 -7.46 -22.73 0.53
C GLY B 178 -6.60 -23.39 -0.52
N THR B 179 -5.47 -23.88 -0.11
CA THR B 179 -4.58 -24.61 -1.00
C THR B 179 -5.23 -25.88 -1.47
N GLN B 180 -5.87 -26.62 -0.56
CA GLN B 180 -6.58 -27.84 -0.99
C GLN B 180 -7.59 -27.53 -2.09
N PHE B 181 -8.35 -26.44 -1.95
CA PHE B 181 -9.37 -26.08 -2.94
C PHE B 181 -8.70 -25.75 -4.31
N TRP B 182 -7.67 -24.93 -4.24
CA TRP B 182 -6.97 -24.51 -5.41
C TRP B 182 -6.28 -25.68 -6.14
N ALA B 183 -5.67 -26.58 -5.36
CA ALA B 183 -4.91 -27.63 -6.00
C ALA B 183 -5.85 -28.56 -6.79
N LYS B 184 -7.05 -28.74 -6.29
CA LYS B 184 -8.07 -29.49 -7.01
C LYS B 184 -8.68 -28.68 -8.14
N ASN B 185 -8.85 -27.37 -7.97
CA ASN B 185 -9.54 -26.46 -8.90
C ASN B 185 -8.65 -25.26 -9.14
N PRO B 186 -7.58 -25.41 -9.91
CA PRO B 186 -6.67 -24.27 -10.05
C PRO B 186 -7.26 -23.15 -10.87
N HIS B 187 -6.60 -21.98 -10.78
CA HIS B 187 -7.09 -20.77 -11.43
C HIS B 187 -7.06 -20.81 -12.92
N VAL B 188 -6.20 -21.64 -13.50
CA VAL B 188 -6.22 -21.97 -14.89
C VAL B 188 -6.21 -23.50 -14.97
N PRO B 189 -6.89 -24.06 -15.96
CA PRO B 189 -6.96 -25.54 -16.01
C PRO B 189 -5.60 -26.20 -16.11
N ASN B 190 -5.39 -27.26 -15.36
CA ASN B 190 -4.18 -28.05 -15.49
C ASN B 190 -2.96 -27.20 -15.19
N TYR B 191 -3.07 -26.23 -14.29
CA TYR B 191 -1.97 -25.38 -13.92
C TYR B 191 -0.77 -26.23 -13.54
N THR B 192 0.41 -25.82 -14.02
CA THR B 192 1.68 -26.41 -13.65
C THR B 192 2.73 -25.30 -13.52
N ALA B 193 3.81 -25.67 -12.88
CA ALA B 193 5.02 -24.85 -12.77
C ALA B 193 6.19 -25.79 -12.65
N GLU B 194 7.40 -25.29 -12.90
CA GLU B 194 8.60 -26.07 -12.78
C GLU B 194 8.85 -26.48 -11.35
N TYR B 195 8.64 -25.55 -10.43
CA TYR B 195 8.78 -25.79 -9.00
C TYR B 195 7.99 -24.70 -8.27
N GLY B 196 7.84 -24.95 -6.98
CA GLY B 196 7.21 -24.03 -6.04
C GLY B 196 8.06 -23.72 -4.86
N ILE B 197 7.94 -22.49 -4.35
CA ILE B 197 8.55 -22.07 -3.08
C ILE B 197 7.47 -21.42 -2.20
N LEU B 198 7.26 -22.05 -1.05
CA LEU B 198 6.39 -21.51 0.00
C LEU B 198 7.26 -20.78 1.02
N LEU B 199 6.83 -19.56 1.38
CA LEU B 199 7.40 -18.81 2.48
C LEU B 199 6.38 -18.79 3.60
N ASP B 200 6.80 -19.27 4.78
CA ASP B 200 5.91 -19.29 5.95
C ASP B 200 6.77 -18.96 7.17
N MSE B 201 6.40 -17.93 7.93
CA MSE B 201 7.20 -17.56 9.11
C MSE B 201 8.65 -17.32 8.74
O MSE B 201 9.61 -17.93 9.24
CB MSE B 201 7.07 -18.60 10.26
CG MSE B 201 5.64 -18.67 10.80
SE MSE B 201 5.39 -19.75 12.31
CE MSE B 201 5.36 -21.25 11.49
N VAL B 202 8.81 -16.32 7.87
CA VAL B 202 10.13 -15.88 7.34
C VAL B 202 10.49 -14.48 7.82
N GLY B 203 9.88 -14.01 8.92
CA GLY B 203 10.14 -12.67 9.41
C GLY B 203 10.79 -12.58 10.76
N GLY B 204 10.85 -13.65 11.51
CA GLY B 204 11.26 -13.54 12.88
C GLY B 204 12.73 -13.30 13.07
N LYS B 205 13.07 -12.48 14.05
CA LYS B 205 14.43 -12.22 14.36
C LYS B 205 15.19 -13.53 14.55
N ASN B 206 16.33 -13.69 13.89
CA ASN B 206 17.16 -14.88 14.02
C ASN B 206 16.46 -16.19 13.63
N ALA B 207 15.52 -16.14 12.70
CA ALA B 207 14.89 -17.33 12.19
C ALA B 207 15.95 -18.31 11.65
N THR B 208 15.63 -19.59 11.73
CA THR B 208 16.47 -20.65 11.18
C THR B 208 15.67 -21.55 10.28
N PHE B 209 15.99 -21.51 8.96
CA PHE B 209 15.31 -22.28 7.96
C PHE B 209 16.12 -23.54 7.71
N PHE B 210 15.60 -24.68 8.15
CA PHE B 210 16.19 -25.97 7.90
C PHE B 210 15.67 -26.58 6.63
N LYS B 211 16.35 -27.62 6.15
CA LYS B 211 15.86 -28.33 4.96
C LYS B 211 14.71 -29.26 5.37
N GLU B 212 13.49 -28.85 5.05
CA GLU B 212 12.30 -29.52 5.59
C GLU B 212 12.06 -30.85 4.86
N GLN B 213 11.56 -31.86 5.59
CA GLN B 213 11.54 -33.20 5.03
C GLN B 213 10.68 -33.40 3.82
N GLN B 214 9.46 -32.87 3.82
CA GLN B 214 8.60 -33.06 2.66
C GLN B 214 9.21 -32.37 1.44
N SER B 215 9.86 -31.23 1.68
CA SER B 215 10.55 -30.44 0.65
C SER B 215 11.67 -31.24 0.04
N LEU B 216 12.47 -31.90 0.90
CA LEU B 216 13.55 -32.71 0.40
C LEU B 216 13.03 -33.94 -0.35
N ARG B 217 12.00 -34.60 0.20
CA ARG B 217 11.52 -35.81 -0.46
C ARG B 217 10.95 -35.52 -1.83
N ALA B 218 10.24 -34.41 -1.99
CA ALA B 218 9.62 -34.06 -3.24
C ALA B 218 10.52 -33.27 -4.20
N ALA B 219 11.52 -32.57 -3.64
CA ALA B 219 12.12 -31.44 -4.37
C ALA B 219 13.52 -31.16 -3.86
N ALA B 220 14.31 -32.20 -3.55
CA ALA B 220 15.64 -31.98 -3.04
C ALA B 220 16.46 -31.06 -3.95
N PRO B 221 16.38 -31.20 -5.29
CA PRO B 221 17.19 -30.26 -6.10
C PRO B 221 16.82 -28.80 -5.89
N ILE B 222 15.55 -28.52 -5.61
CA ILE B 222 15.09 -27.17 -5.35
C ILE B 222 15.62 -26.68 -4.00
N VAL B 223 15.52 -27.53 -2.97
CA VAL B 223 16.14 -27.19 -1.69
C VAL B 223 17.62 -26.86 -1.87
N GLU B 224 18.36 -27.71 -2.57
CA GLU B 224 19.80 -27.51 -2.73
C GLU B 224 20.07 -26.20 -3.50
N MSE B 225 19.32 -25.93 -4.56
CA MSE B 225 19.49 -24.70 -5.32
C MSE B 225 19.30 -23.49 -4.38
O MSE B 225 20.08 -22.52 -4.45
CB MSE B 225 18.51 -24.65 -6.48
CG MSE B 225 18.45 -23.32 -7.22
SE MSE B 225 17.21 -23.34 -8.69
CE MSE B 225 15.61 -23.57 -7.66
N VAL B 226 18.22 -23.48 -3.63
CA VAL B 226 17.89 -22.37 -2.75
C VAL B 226 18.96 -22.20 -1.65
N TRP B 227 19.29 -23.29 -0.96
CA TRP B 227 20.21 -23.21 0.13
C TRP B 227 21.58 -22.80 -0.35
N SER B 228 22.00 -23.27 -1.52
CA SER B 228 23.29 -22.89 -2.08
C SER B 228 23.33 -21.41 -2.49
N ALA B 229 22.25 -20.93 -3.09
CA ALA B 229 22.17 -19.51 -3.44
C ALA B 229 22.22 -18.65 -2.18
N ALA B 230 21.52 -19.09 -1.11
CA ALA B 230 21.57 -18.35 0.15
C ALA B 230 22.98 -18.28 0.67
N ARG B 231 23.68 -19.41 0.63
CA ARG B 231 25.04 -19.47 1.10
CA ARG B 231 25.04 -19.41 1.14
C ARG B 231 25.92 -18.48 0.33
N ASP B 232 25.80 -18.52 -1.00
CA ASP B 232 26.57 -17.66 -1.90
C ASP B 232 26.38 -16.20 -1.56
N LEU B 233 25.13 -15.85 -1.21
CA LEU B 233 24.79 -14.44 -0.91
C LEU B 233 25.13 -13.97 0.49
N GLY B 234 25.56 -14.89 1.33
CA GLY B 234 25.91 -14.56 2.71
C GLY B 234 24.82 -14.79 3.75
N TYR B 235 23.79 -15.54 3.38
CA TYR B 235 22.65 -15.83 4.26
C TYR B 235 22.63 -17.22 4.87
N GLY B 236 23.81 -17.86 4.96
CA GLY B 236 23.89 -19.16 5.54
C GLY B 236 23.47 -19.21 7.00
N LYS B 237 23.55 -18.10 7.73
CA LYS B 237 23.10 -18.15 9.11
C LYS B 237 21.60 -18.28 9.26
N TYR B 238 20.87 -18.01 8.18
CA TYR B 238 19.45 -18.22 8.11
C TYR B 238 19.10 -19.56 7.46
N PHE B 239 19.74 -19.86 6.32
CA PHE B 239 19.48 -21.08 5.56
C PHE B 239 20.45 -22.13 6.06
N ILE B 240 20.05 -22.84 7.10
CA ILE B 240 20.90 -23.75 7.80
C ILE B 240 21.14 -24.98 6.95
N ASN B 241 22.41 -25.38 6.84
CA ASN B 241 22.79 -26.51 6.01
C ASN B 241 22.61 -27.79 6.82
N ALA B 242 21.35 -28.15 7.07
CA ALA B 242 21.03 -29.29 7.87
C ALA B 242 19.58 -29.65 7.61
N ALA B 243 19.26 -30.92 7.76
CA ALA B 243 17.90 -31.43 7.67
C ALA B 243 17.11 -31.01 8.89
N GLY B 244 15.88 -30.60 8.60
CA GLY B 244 14.95 -30.30 9.63
C GLY B 244 13.91 -31.38 9.76
N GLY B 245 12.81 -31.01 10.41
CA GLY B 245 11.70 -31.90 10.59
C GLY B 245 10.72 -31.89 9.42
N ALA B 246 9.72 -32.75 9.49
CA ALA B 246 8.59 -32.75 8.58
C ALA B 246 7.54 -31.80 9.12
N ILE B 247 7.09 -30.87 8.27
CA ILE B 247 6.15 -29.83 8.67
C ILE B 247 4.93 -29.87 7.77
N THR B 248 3.74 -29.95 8.36
CA THR B 248 2.49 -29.84 7.62
C THR B 248 2.32 -28.41 7.15
N ASP B 249 2.17 -28.18 5.86
CA ASP B 249 2.04 -26.82 5.37
C ASP B 249 1.50 -26.87 3.96
N ASP B 250 1.25 -25.70 3.35
CA ASP B 250 0.54 -25.62 2.10
C ASP B 250 1.28 -26.38 1.00
N HIS B 251 2.62 -26.44 1.05
CA HIS B 251 3.37 -27.07 -0.03
C HIS B 251 3.00 -28.54 -0.21
N GLN B 252 2.63 -29.24 0.87
CA GLN B 252 2.29 -30.67 0.71
C GLN B 252 1.11 -30.87 -0.21
N TYR B 253 0.14 -29.93 -0.17
CA TYR B 253 -1.04 -30.04 -0.96
C TYR B 253 -0.78 -29.59 -2.41
N VAL B 254 0.16 -28.67 -2.63
CA VAL B 254 0.58 -28.34 -3.99
C VAL B 254 1.27 -29.56 -4.62
N ILE B 255 2.11 -30.24 -3.85
CA ILE B 255 2.81 -31.44 -4.31
C ILE B 255 1.77 -32.52 -4.68
N SER B 256 0.87 -32.80 -3.75
CA SER B 256 -0.04 -33.94 -3.98
C SER B 256 -1.10 -33.62 -5.04
N GLY B 257 -1.61 -32.38 -5.04
CA GLY B 257 -2.71 -32.03 -5.90
C GLY B 257 -2.34 -31.52 -7.27
N ARG B 258 -1.19 -30.85 -7.40
CA ARG B 258 -0.77 -30.36 -8.69
CA ARG B 258 -0.69 -30.30 -8.70
C ARG B 258 0.52 -30.99 -9.23
N ASN B 259 1.15 -31.85 -8.44
CA ASN B 259 2.39 -32.48 -8.83
CA ASN B 259 2.38 -32.49 -8.86
C ASN B 259 3.46 -31.48 -9.21
N ILE B 260 3.53 -30.38 -8.45
CA ILE B 260 4.61 -29.41 -8.58
C ILE B 260 5.58 -29.62 -7.42
N PRO B 261 6.86 -29.98 -7.74
CA PRO B 261 7.87 -30.13 -6.65
C PRO B 261 8.04 -28.79 -5.95
N SER B 262 7.74 -28.77 -4.65
CA SER B 262 7.67 -27.55 -3.86
C SER B 262 8.41 -27.71 -2.55
N ILE B 263 8.95 -26.59 -2.09
CA ILE B 263 9.68 -26.51 -0.84
C ILE B 263 9.02 -25.47 0.08
N ASP B 264 9.34 -25.61 1.35
CA ASP B 264 8.91 -24.70 2.39
C ASP B 264 10.11 -24.07 3.06
N ILE B 265 10.17 -22.73 3.01
CA ILE B 265 11.15 -21.94 3.73
C ILE B 265 10.43 -21.41 4.98
N ILE B 266 10.77 -21.97 6.14
CA ILE B 266 10.01 -21.75 7.36
C ILE B 266 10.92 -21.85 8.56
N ASN B 267 10.75 -20.95 9.52
CA ASN B 267 11.48 -20.97 10.78
CA ASN B 267 11.50 -21.04 10.77
C ASN B 267 11.12 -22.26 11.54
N TYR B 268 12.14 -23.07 11.81
CA TYR B 268 12.03 -24.31 12.54
C TYR B 268 13.05 -24.34 13.63
N ASP B 269 12.64 -24.82 14.79
CA ASP B 269 13.51 -24.94 15.95
C ASP B 269 13.56 -26.40 16.39
N PRO B 270 14.70 -27.08 16.13
CA PRO B 270 14.82 -28.50 16.48
C PRO B 270 14.73 -28.80 17.96
N GLU B 271 14.81 -27.78 18.80
CA GLU B 271 14.72 -28.04 20.24
CA GLU B 271 14.78 -27.91 20.27
C GLU B 271 13.43 -27.53 20.90
N SER B 272 12.52 -26.89 20.16
CA SER B 272 11.31 -26.44 20.85
CA SER B 272 11.25 -26.41 20.70
C SER B 272 10.26 -27.56 20.86
N LYS B 273 9.37 -27.48 21.85
CA LYS B 273 8.33 -28.47 22.03
C LYS B 273 7.51 -28.64 20.75
N THR B 274 7.23 -27.53 20.07
CA THR B 274 6.36 -27.58 18.91
C THR B 274 7.11 -27.65 17.58
N GLY B 275 8.42 -27.39 17.60
CA GLY B 275 9.19 -27.21 16.38
C GLY B 275 9.18 -25.83 15.81
N PHE B 276 8.36 -24.94 16.37
CA PHE B 276 8.22 -23.59 15.85
C PHE B 276 8.73 -22.57 16.83
N ALA B 277 8.76 -21.34 16.36
CA ALA B 277 9.10 -20.19 17.19
C ALA B 277 8.27 -20.17 18.48
N SER B 278 8.87 -19.62 19.54
CA SER B 278 8.20 -19.59 20.83
C SER B 278 6.84 -18.93 20.86
N TYR B 279 6.62 -17.98 19.97
CA TYR B 279 5.39 -17.22 19.91
C TYR B 279 4.38 -17.80 18.95
N TRP B 280 4.68 -18.95 18.31
CA TRP B 280 3.76 -19.57 17.38
C TRP B 280 2.41 -19.88 18.05
N HIS B 281 1.33 -19.47 17.41
CA HIS B 281 -0.01 -19.72 17.90
C HIS B 281 -0.24 -19.19 19.32
N THR B 282 0.42 -18.08 19.61
CA THR B 282 0.18 -17.29 20.80
C THR B 282 -0.14 -15.86 20.43
N GLN B 283 -0.60 -15.09 21.42
CA GLN B 283 -0.80 -13.68 21.26
C GLN B 283 0.46 -12.90 20.92
N LYS B 284 1.63 -13.44 21.18
CA LYS B 284 2.89 -12.77 20.85
C LYS B 284 3.31 -12.91 19.40
N ASP B 285 2.49 -13.50 18.54
CA ASP B 285 2.80 -13.49 17.08
C ASP B 285 2.34 -12.14 16.50
N ASN B 286 3.12 -11.12 16.86
CA ASN B 286 2.80 -9.72 16.54
C ASN B 286 4.03 -9.03 15.92
N MSE B 287 3.92 -7.73 15.68
CA MSE B 287 5.00 -7.06 14.98
C MSE B 287 6.33 -7.03 15.69
O MSE B 287 7.36 -6.87 15.02
CB MSE B 287 4.62 -5.61 14.56
CG MSE B 287 3.56 -5.52 13.51
SE MSE B 287 4.06 -6.29 11.81
CE MSE B 287 5.68 -5.29 11.44
N GLU B 288 6.34 -7.28 16.99
CA GLU B 288 7.56 -7.17 17.73
C GLU B 288 8.63 -8.12 17.27
N ASN B 289 8.29 -9.28 16.73
CA ASN B 289 9.29 -10.22 16.33
C ASN B 289 9.81 -10.01 14.93
N ILE B 290 9.16 -9.17 14.12
CA ILE B 290 9.47 -9.08 12.70
C ILE B 290 10.78 -8.30 12.53
N ASP B 291 11.66 -8.81 11.68
CA ASP B 291 13.05 -8.30 11.52
CA ASP B 291 12.98 -8.30 11.50
C ASP B 291 13.31 -8.16 10.02
N ARG B 292 13.67 -6.97 9.60
CA ARG B 292 14.09 -6.70 8.25
C ARG B 292 15.23 -7.58 7.77
N GLU B 293 16.17 -7.90 8.63
CA GLU B 293 17.29 -8.72 8.21
C GLU B 293 16.85 -10.14 7.83
N THR B 294 15.88 -10.69 8.56
CA THR B 294 15.35 -12.00 8.21
C THR B 294 14.58 -11.95 6.88
N LEU B 295 13.71 -10.94 6.74
CA LEU B 295 12.98 -10.79 5.50
C LEU B 295 13.93 -10.64 4.31
N LYS B 296 15.01 -9.89 4.50
CA LYS B 296 16.02 -9.70 3.44
C LYS B 296 16.65 -11.01 3.01
N ALA B 297 17.02 -11.83 4.00
CA ALA B 297 17.67 -13.10 3.70
C ALA B 297 16.75 -13.97 2.86
N ALA B 298 15.49 -14.12 3.29
CA ALA B 298 14.55 -14.94 2.56
C ALA B 298 14.27 -14.37 1.19
N GLY B 299 13.96 -13.09 1.13
CA GLY B 299 13.53 -12.47 -0.09
C GLY B 299 14.61 -12.33 -1.16
N GLN B 300 15.80 -11.95 -0.72
CA GLN B 300 16.91 -11.82 -1.68
C GLN B 300 17.27 -13.17 -2.26
N THR B 301 17.26 -14.19 -1.42
CA THR B 301 17.55 -15.56 -1.88
C THR B 301 16.55 -15.98 -2.95
N VAL B 302 15.26 -15.74 -2.73
CA VAL B 302 14.28 -16.11 -3.71
C VAL B 302 14.52 -15.34 -5.02
N LEU B 303 14.79 -14.04 -4.94
CA LEU B 303 15.07 -13.28 -6.18
C LEU B 303 16.26 -13.89 -6.92
N GLU B 304 17.33 -14.19 -6.20
CA GLU B 304 18.51 -14.78 -6.85
C GLU B 304 18.16 -16.03 -7.62
N VAL B 305 17.35 -16.89 -7.01
CA VAL B 305 17.00 -18.15 -7.61
CA VAL B 305 17.06 -18.16 -7.66
C VAL B 305 16.12 -17.98 -8.87
N ILE B 306 15.08 -17.16 -8.78
CA ILE B 306 14.14 -17.05 -9.87
C ILE B 306 14.72 -16.25 -11.06
N TYR B 307 15.62 -15.32 -10.76
CA TYR B 307 16.26 -14.54 -11.82
C TYR B 307 17.52 -15.19 -12.34
N ASN B 308 18.21 -15.99 -11.54
CA ASN B 308 19.63 -16.25 -11.79
C ASN B 308 20.13 -17.58 -11.30
N ARG B 309 19.27 -18.56 -11.12
CA ARG B 309 19.66 -19.96 -10.97
C ARG B 309 18.81 -20.84 -11.85
ZN ZN C . -12.51 20.43 2.50
C1 EDO D . -11.16 23.32 -0.86
O1 EDO D . -10.25 23.68 0.17
C2 EDO D . -11.87 22.02 -0.52
O2 EDO D . -12.21 21.90 0.90
C1 EDO E . -27.65 23.81 13.48
O1 EDO E . -26.74 23.85 14.60
C2 EDO E . -27.59 22.47 12.77
O2 EDO E . -26.22 22.06 12.59
ZN ZN F . -0.24 -20.92 12.13
C1 EDO G . 3.02 -23.81 10.54
O1 EDO G . 2.17 -24.22 9.44
C2 EDO G . 2.70 -22.40 11.07
O2 EDO G . 1.31 -22.29 11.53
C1 EDO H . -1.26 -27.36 17.32
O1 EDO H . -0.31 -28.28 17.93
C2 EDO H . -1.53 -27.48 15.79
O2 EDO H . -0.49 -27.90 14.85
C1 EDO I . -8.60 -23.85 28.18
O1 EDO I . -8.67 -23.34 26.84
C2 EDO I . -9.21 -25.24 28.21
O2 EDO I . -10.48 -25.25 27.53
#